data_7JTJ
#
_entry.id   7JTJ
#
_cell.length_a   89.290
_cell.length_b   89.290
_cell.length_c   140.070
_cell.angle_alpha   90.000
_cell.angle_beta   90.000
_cell.angle_gamma   90.000
#
_symmetry.space_group_name_H-M   'P 41 21 2'
#
loop_
_entity.id
_entity.type
_entity.pdbx_description
1 polymer 'Irp2 protein'
2 non-polymer 'SODIUM ION'
3 non-polymer 2-(2-METHOXYETHOXY)ETHANOL
4 water water
#
_entity_poly.entity_id   1
_entity_poly.type   'polypeptide(L)'
_entity_poly.pdbx_seq_one_letter_code
;MGSSHHHHHHSSGLVPRGSHMPVEQPFVHSPEDRYQPFALTDVQQAYLVGRQPGFALGGVGSHFFVEFEIADLDLTRLET
VWNRLIARHDMLRAIVRDGQQQVLEQTPPWVIPAHTLHTPEEALRVREKLAHQVLNPEVWPVFDLQVGYVDGMPARLWLC
LDNLLLDGLSMQILLAELEHGYRYPQQLLPPLPVTFRDYLQQPSLQSPNPDSLAWWQAQLDDIPPAPALPLRCLPQEVET
PRFARLNGALDSTRWHRLKKRAADAHLTPSAVLLSVWSTVLSAWSAQPEFTLNLTLFDRRPLHPQINQILGDFTSLMLLS
WHPGESWLHSAQSLQQRLSQNLNHRDVSAIRVMRQLAQRQNVPAVPMPVVFTSALGFEQDNFLARRNLLKPVWGISQTPQ
VWLDHQIYESEGELRFNWDFVAALFPAGQVERQFEQYCALLNRMAEDESGWQ
;
_entity_poly.pdbx_strand_id   A
#
loop_
_chem_comp.id
_chem_comp.type
_chem_comp.name
_chem_comp.formula
NA non-polymer 'SODIUM ION' 'Na 1'
PG0 non-polymer 2-(2-METHOXYETHOXY)ETHANOL 'C5 H12 O3'
#
# COMPACT_ATOMS: atom_id res chain seq x y z
N GLN A 25 4.07 12.59 -26.59
CA GLN A 25 4.07 14.02 -26.29
C GLN A 25 5.20 14.37 -25.33
N PRO A 26 5.88 15.49 -25.57
CA PRO A 26 6.94 15.93 -24.65
C PRO A 26 6.35 16.38 -23.31
N PHE A 27 7.12 16.14 -22.26
CA PHE A 27 6.68 16.50 -20.92
C PHE A 27 6.74 18.02 -20.74
N VAL A 28 5.71 18.58 -20.11
CA VAL A 28 5.61 20.02 -19.89
C VAL A 28 5.99 20.31 -18.43
N HIS A 29 7.12 20.97 -18.22
CA HIS A 29 7.56 21.37 -16.88
C HIS A 29 7.11 22.81 -16.62
N SER A 30 6.72 23.08 -15.36
CA SER A 30 6.30 24.42 -14.95
C SER A 30 7.00 24.77 -13.65
N PRO A 31 8.31 24.97 -13.70
CA PRO A 31 9.05 25.23 -12.45
C PRO A 31 8.64 26.54 -11.79
N GLU A 32 8.15 27.51 -12.55
CA GLU A 32 7.70 28.74 -11.93
C GLU A 32 6.47 28.53 -11.06
N ASP A 33 5.72 27.45 -11.26
CA ASP A 33 4.54 27.14 -10.46
C ASP A 33 4.82 26.03 -9.44
N ARG A 34 6.09 25.68 -9.24
CA ARG A 34 6.46 24.52 -8.43
C ARG A 34 5.81 24.57 -7.06
N TYR A 35 5.66 25.77 -6.47
CA TYR A 35 5.13 25.90 -5.13
C TYR A 35 3.67 26.38 -5.09
N GLN A 36 3.00 26.31 -6.17
CA GLN A 36 1.61 26.73 -6.21
C GLN A 36 0.70 25.54 -5.87
N PRO A 37 -0.47 25.81 -5.31
CA PRO A 37 -1.40 24.71 -5.04
C PRO A 37 -1.77 23.98 -6.32
N PHE A 38 -2.09 22.69 -6.16
CA PHE A 38 -2.57 21.86 -7.26
C PHE A 38 -3.61 20.89 -6.76
N ALA A 39 -4.41 20.35 -7.68
CA ALA A 39 -5.55 19.54 -7.28
C ALA A 39 -5.12 18.20 -6.70
N LEU A 40 -5.89 17.74 -5.72
CA LEU A 40 -5.70 16.41 -5.15
C LEU A 40 -6.22 15.37 -6.13
N THR A 41 -5.62 14.18 -6.09
CA THR A 41 -6.13 13.08 -6.88
C THR A 41 -7.42 12.53 -6.27
N ASP A 42 -8.15 11.74 -7.07
CA ASP A 42 -9.34 11.09 -6.55
C ASP A 42 -9.02 10.26 -5.31
N VAL A 43 -7.92 9.50 -5.35
CA VAL A 43 -7.51 8.68 -4.20
C VAL A 43 -7.26 9.57 -2.98
N GLN A 44 -6.53 10.68 -3.19
CA GLN A 44 -6.24 11.57 -2.07
C GLN A 44 -7.52 12.16 -1.48
N GLN A 45 -8.48 12.54 -2.33
CA GLN A 45 -9.75 13.06 -1.82
C GLN A 45 -10.47 12.00 -0.98
N ALA A 46 -10.48 10.75 -1.45
CA ALA A 46 -11.15 9.70 -0.69
C ALA A 46 -10.48 9.51 0.67
N TYR A 47 -9.15 9.56 0.71
CA TYR A 47 -8.44 9.42 1.99
C TYR A 47 -8.86 10.50 2.96
N LEU A 48 -8.91 11.76 2.50
CA LEU A 48 -9.23 12.87 3.39
C LEU A 48 -10.63 12.73 3.96
N VAL A 49 -11.60 12.40 3.11
CA VAL A 49 -12.94 12.24 3.66
C VAL A 49 -13.05 10.96 4.50
N GLY A 50 -12.19 9.97 4.23
CA GLY A 50 -12.13 8.77 5.06
C GLY A 50 -11.68 9.01 6.49
N ARG A 51 -11.18 10.20 6.80
CA ARG A 51 -10.88 10.58 8.17
C ARG A 51 -12.14 10.68 9.04
N GLN A 52 -13.30 10.88 8.44
CA GLN A 52 -14.60 10.96 9.10
C GLN A 52 -15.31 9.62 9.04
N PRO A 53 -16.29 9.38 9.90
CA PRO A 53 -17.13 8.18 9.78
C PRO A 53 -17.69 8.04 8.37
N GLY A 54 -17.63 6.82 7.84
CA GLY A 54 -18.17 6.51 6.52
C GLY A 54 -19.05 5.26 6.50
N PHE A 55 -19.36 4.79 5.29
CA PHE A 55 -20.35 3.72 5.10
CA PHE A 55 -20.37 3.74 5.18
C PHE A 55 -19.85 2.37 5.59
N ALA A 56 -18.54 2.13 5.58
CA ALA A 56 -18.00 0.82 5.91
C ALA A 56 -17.08 0.81 7.13
N LEU A 57 -16.86 1.95 7.79
CA LEU A 57 -15.91 2.03 8.89
C LEU A 57 -15.96 3.41 9.52
N GLY A 58 -15.61 3.51 10.80
CA GLY A 58 -15.33 4.80 11.40
C GLY A 58 -14.16 5.49 10.71
N GLY A 59 -13.92 6.73 11.08
CA GLY A 59 -12.85 7.49 10.46
C GLY A 59 -11.47 7.02 10.90
N VAL A 60 -10.51 7.09 9.98
CA VAL A 60 -9.13 6.70 10.28
C VAL A 60 -8.21 7.40 9.29
N GLY A 61 -6.95 7.58 9.69
CA GLY A 61 -5.94 8.15 8.82
C GLY A 61 -5.49 7.15 7.76
N SER A 62 -4.40 7.51 7.08
CA SER A 62 -3.94 6.76 5.93
C SER A 62 -2.44 6.48 5.98
N HIS A 63 -1.83 6.51 7.16
CA HIS A 63 -0.37 6.47 7.20
C HIS A 63 0.19 5.04 7.18
N PHE A 64 1.52 5.00 7.16
CA PHE A 64 2.29 3.78 7.10
C PHE A 64 3.38 3.93 8.14
N PHE A 65 3.53 2.95 9.02
CA PHE A 65 4.45 3.05 10.15
C PHE A 65 5.39 1.87 10.17
N VAL A 66 6.68 2.14 10.36
CA VAL A 66 7.68 1.07 10.45
C VAL A 66 8.62 1.36 11.61
N GLU A 67 8.90 0.35 12.42
CA GLU A 67 10.00 0.39 13.38
C GLU A 67 11.19 -0.37 12.81
N PHE A 68 12.32 0.31 12.69
CA PHE A 68 13.61 -0.31 12.39
C PHE A 68 14.44 -0.42 13.65
N GLU A 69 15.37 -1.39 13.64
CA GLU A 69 16.44 -1.51 14.62
C GLU A 69 17.75 -1.19 13.93
N ILE A 70 18.57 -0.35 14.56
CA ILE A 70 19.85 0.08 14.02
C ILE A 70 20.91 -0.20 15.06
N ALA A 71 21.86 -1.09 14.74
CA ALA A 71 22.99 -1.29 15.62
C ALA A 71 23.88 -0.05 15.54
N ASP A 72 24.29 0.45 16.70
CA ASP A 72 25.25 1.55 16.77
C ASP A 72 24.78 2.74 15.95
N LEU A 73 23.61 3.24 16.29
CA LEU A 73 23.01 4.32 15.52
C LEU A 73 23.87 5.57 15.59
N ASP A 74 24.10 6.18 14.43
CA ASP A 74 24.81 7.46 14.36
C ASP A 74 23.73 8.48 14.03
N LEU A 75 23.24 9.18 15.08
CA LEU A 75 22.11 10.10 14.90
C LEU A 75 22.47 11.23 13.94
N THR A 76 23.68 11.77 14.06
CA THR A 76 24.05 12.87 13.18
C THR A 76 24.02 12.43 11.72
N ARG A 77 24.52 11.22 11.44
CA ARG A 77 24.49 10.71 10.09
C ARG A 77 23.06 10.51 9.60
N LEU A 78 22.21 9.90 10.44
CA LEU A 78 20.82 9.69 10.01
C LEU A 78 20.14 11.02 9.73
N GLU A 79 20.38 12.02 10.57
CA GLU A 79 19.74 13.32 10.40
C GLU A 79 20.18 13.98 9.09
N THR A 80 21.47 13.87 8.76
CA THR A 80 21.95 14.39 7.48
C THR A 80 21.22 13.72 6.32
N VAL A 81 21.14 12.40 6.34
CA VAL A 81 20.51 11.65 5.25
C VAL A 81 19.05 12.05 5.12
N TRP A 82 18.33 12.09 6.25
CA TRP A 82 16.90 12.40 6.20
C TRP A 82 16.66 13.80 5.67
N ASN A 83 17.45 14.77 6.12
CA ASN A 83 17.24 16.13 5.64
C ASN A 83 17.57 16.26 4.16
N ARG A 84 18.58 15.52 3.68
CA ARG A 84 18.83 15.50 2.24
C ARG A 84 17.61 14.97 1.47
N LEU A 85 16.98 13.93 2.00
CA LEU A 85 15.80 13.40 1.31
C LEU A 85 14.65 14.39 1.33
N ILE A 86 14.46 15.11 2.45
CA ILE A 86 13.44 16.15 2.46
C ILE A 86 13.69 17.18 1.37
N ALA A 87 14.94 17.63 1.23
CA ALA A 87 15.26 18.61 0.19
C ALA A 87 15.08 18.00 -1.20
N ARG A 88 15.41 16.70 -1.34
CA ARG A 88 15.39 16.04 -2.65
C ARG A 88 13.97 15.86 -3.19
N HIS A 89 12.99 15.58 -2.32
CA HIS A 89 11.67 15.14 -2.77
C HIS A 89 10.60 16.16 -2.39
N ASP A 90 10.02 16.83 -3.40
CA ASP A 90 9.04 17.89 -3.13
C ASP A 90 7.89 17.41 -2.24
N MET A 91 7.43 16.16 -2.43
CA MET A 91 6.23 15.72 -1.71
C MET A 91 6.48 15.43 -0.22
N LEU A 92 7.74 15.32 0.20
CA LEU A 92 8.01 15.33 1.64
C LEU A 92 7.76 16.69 2.25
N ARG A 93 7.77 17.74 1.43
CA ARG A 93 7.46 19.08 1.87
C ARG A 93 6.05 19.49 1.49
N ALA A 94 5.20 18.53 1.15
CA ALA A 94 3.84 18.85 0.75
C ALA A 94 2.91 18.90 1.96
N ILE A 95 1.84 19.70 1.83
CA ILE A 95 0.73 19.74 2.78
C ILE A 95 -0.58 19.82 2.00
N VAL A 96 -1.68 19.55 2.70
CA VAL A 96 -3.01 19.80 2.19
C VAL A 96 -3.50 21.10 2.80
N ARG A 97 -3.96 22.02 1.95
CA ARG A 97 -4.39 23.32 2.42
C ARG A 97 -5.49 23.81 1.51
N ASP A 98 -6.60 24.27 2.10
CA ASP A 98 -7.76 24.78 1.36
C ASP A 98 -8.18 23.83 0.24
N GLY A 99 -8.31 22.55 0.57
CA GLY A 99 -8.80 21.53 -0.34
C GLY A 99 -7.88 21.15 -1.48
N GLN A 100 -6.62 21.56 -1.45
CA GLN A 100 -5.68 21.23 -2.50
C GLN A 100 -4.35 20.85 -1.86
N GLN A 101 -3.40 20.40 -2.67
CA GLN A 101 -2.09 20.08 -2.14
C GLN A 101 -1.08 21.12 -2.62
N GLN A 102 0.01 21.24 -1.88
CA GLN A 102 0.93 22.35 -2.08
C GLN A 102 2.29 21.96 -1.52
N VAL A 103 3.34 22.19 -2.30
CA VAL A 103 4.72 21.94 -1.88
C VAL A 103 5.28 23.21 -1.27
N LEU A 104 5.83 23.08 -0.05
CA LEU A 104 6.45 24.21 0.64
C LEU A 104 7.89 24.34 0.20
N GLU A 105 8.30 25.57 -0.16
CA GLU A 105 9.65 25.78 -0.68
C GLU A 105 10.70 25.53 0.40
N GLN A 106 10.47 26.06 1.60
CA GLN A 106 11.43 25.95 2.69
C GLN A 106 10.70 25.46 3.92
N THR A 107 11.26 24.46 4.58
CA THR A 107 10.73 23.94 5.84
C THR A 107 11.88 23.83 6.83
N PRO A 108 11.60 23.99 8.13
CA PRO A 108 12.68 23.89 9.13
C PRO A 108 13.29 22.51 9.11
N PRO A 109 14.62 22.43 9.08
CA PRO A 109 15.30 21.12 9.10
C PRO A 109 14.75 20.25 10.21
N TRP A 110 14.57 18.97 9.91
CA TRP A 110 14.03 18.02 10.87
C TRP A 110 15.13 17.65 11.87
N VAL A 111 14.96 18.03 13.12
CA VAL A 111 15.88 17.71 14.21
C VAL A 111 15.27 16.50 14.92
N ILE A 112 15.88 15.32 14.75
CA ILE A 112 15.22 14.06 15.12
C ILE A 112 15.06 13.99 16.63
N PRO A 113 13.83 13.87 17.15
CA PRO A 113 13.66 13.64 18.59
C PRO A 113 14.24 12.27 18.96
N ALA A 114 14.92 12.22 20.10
CA ALA A 114 15.52 10.98 20.59
C ALA A 114 15.03 10.73 22.00
N HIS A 115 14.56 9.51 22.24
CA HIS A 115 14.13 9.06 23.55
C HIS A 115 15.19 8.14 24.14
N THR A 116 15.40 8.24 25.45
CA THR A 116 16.30 7.35 26.17
C THR A 116 15.45 6.35 26.96
N LEU A 117 15.46 5.08 26.53
CA LEU A 117 14.65 4.05 27.15
C LEU A 117 15.55 3.02 27.86
N HIS A 118 15.10 2.56 29.03
CA HIS A 118 15.94 1.65 29.79
C HIS A 118 15.59 0.18 29.58
N THR A 119 14.42 -0.12 29.03
CA THR A 119 13.98 -1.49 28.81
C THR A 119 13.29 -1.58 27.46
N PRO A 120 13.24 -2.78 26.87
CA PRO A 120 12.41 -2.94 25.67
C PRO A 120 10.93 -2.67 25.93
N GLU A 121 10.44 -2.94 27.15
CA GLU A 121 9.05 -2.63 27.49
C GLU A 121 8.76 -1.14 27.35
N GLU A 122 9.66 -0.28 27.85
CA GLU A 122 9.48 1.15 27.68
C GLU A 122 9.44 1.53 26.20
N ALA A 123 10.30 0.91 25.38
CA ALA A 123 10.32 1.24 23.97
C ALA A 123 9.03 0.81 23.27
N LEU A 124 8.43 -0.31 23.72
CA LEU A 124 7.14 -0.74 23.17
C LEU A 124 6.04 0.27 23.46
N ARG A 125 6.08 0.90 24.65
CA ARG A 125 5.09 1.92 24.96
C ARG A 125 5.23 3.12 24.02
N VAL A 126 6.47 3.47 23.64
CA VAL A 126 6.66 4.55 22.68
C VAL A 126 6.21 4.11 21.29
N ARG A 127 6.60 2.91 20.87
CA ARG A 127 6.17 2.40 19.58
C ARG A 127 4.65 2.48 19.46
N GLU A 128 3.95 2.01 20.48
CA GLU A 128 2.49 1.99 20.45
C GLU A 128 1.92 3.39 20.29
N LYS A 129 2.54 4.39 20.92
CA LYS A 129 2.05 5.76 20.81
C LYS A 129 2.28 6.31 19.41
N LEU A 130 3.48 6.10 18.87
CA LEU A 130 3.81 6.67 17.58
C LEU A 130 3.12 5.94 16.43
N ALA A 131 2.89 4.63 16.58
CA ALA A 131 2.31 3.85 15.48
C ALA A 131 0.86 4.22 15.22
N HIS A 132 0.17 4.78 16.22
CA HIS A 132 -1.24 5.14 16.08
C HIS A 132 -1.48 6.64 16.18
N GLN A 133 -0.44 7.46 15.98
CA GLN A 133 -0.61 8.90 16.03
C GLN A 133 -1.42 9.38 14.82
N VAL A 134 -1.89 10.62 14.88
CA VAL A 134 -2.64 11.23 13.79
C VAL A 134 -1.76 12.29 13.16
N LEU A 135 -1.42 12.11 11.89
CA LEU A 135 -0.68 13.12 11.14
C LEU A 135 -1.69 14.15 10.63
N ASN A 136 -1.48 15.41 10.98
CA ASN A 136 -2.36 16.48 10.51
C ASN A 136 -1.88 16.88 9.12
N PRO A 137 -2.64 16.61 8.05
CA PRO A 137 -2.13 16.89 6.71
C PRO A 137 -2.08 18.38 6.40
N GLU A 138 -2.70 19.21 7.23
CA GLU A 138 -2.73 20.64 6.99
C GLU A 138 -1.50 21.38 7.51
N VAL A 139 -0.70 20.75 8.39
CA VAL A 139 0.45 21.40 9.00
C VAL A 139 1.69 20.56 8.71
N TRP A 140 2.70 21.18 8.12
CA TRP A 140 3.92 20.47 7.85
C TRP A 140 4.60 20.18 9.18
N PRO A 141 5.22 19.00 9.35
CA PRO A 141 5.37 17.90 8.37
C PRO A 141 4.20 16.94 8.40
N VAL A 142 3.92 16.28 7.28
CA VAL A 142 2.93 15.21 7.27
C VAL A 142 3.70 13.89 7.34
N PHE A 143 4.61 13.80 8.32
CA PHE A 143 5.37 12.60 8.61
C PHE A 143 5.87 12.70 10.04
N ASP A 144 6.42 11.62 10.54
CA ASP A 144 7.11 11.66 11.82
C ASP A 144 8.32 10.76 11.74
N LEU A 145 9.38 11.13 12.45
CA LEU A 145 10.59 10.31 12.50
C LEU A 145 11.26 10.58 13.83
N GLN A 146 11.31 9.57 14.69
CA GLN A 146 11.92 9.71 16.00
C GLN A 146 12.77 8.49 16.25
N VAL A 147 13.72 8.60 17.20
CA VAL A 147 14.56 7.46 17.54
C VAL A 147 14.44 7.15 19.02
N GLY A 148 14.80 5.91 19.36
CA GLY A 148 14.80 5.49 20.74
C GLY A 148 16.05 4.68 21.03
N TYR A 149 16.89 5.15 21.94
CA TYR A 149 18.01 4.37 22.43
C TYR A 149 17.52 3.51 23.58
N VAL A 150 17.87 2.22 23.52
CA VAL A 150 17.49 1.26 24.55
C VAL A 150 18.78 0.71 25.11
N ASP A 151 18.99 0.85 26.43
CA ASP A 151 20.24 0.46 27.08
C ASP A 151 20.64 -0.95 26.67
N GLY A 152 21.87 -1.07 26.14
CA GLY A 152 22.40 -2.37 25.80
C GLY A 152 21.72 -3.06 24.64
N MET A 153 20.86 -2.37 23.92
CA MET A 153 20.11 -2.95 22.80
C MET A 153 20.25 -2.03 21.59
N PRO A 154 19.91 -2.53 20.41
CA PRO A 154 19.90 -1.66 19.22
C PRO A 154 18.96 -0.48 19.41
N ALA A 155 19.32 0.66 18.84
CA ALA A 155 18.40 1.78 18.84
C ALA A 155 17.22 1.48 17.92
N ARG A 156 16.11 2.13 18.18
CA ARG A 156 14.94 2.02 17.34
CA ARG A 156 14.91 2.04 17.37
C ARG A 156 14.76 3.31 16.55
N LEU A 157 14.27 3.16 15.32
CA LEU A 157 13.89 4.28 14.46
C LEU A 157 12.43 4.09 14.11
N TRP A 158 11.59 5.04 14.51
CA TRP A 158 10.15 4.98 14.34
C TRP A 158 9.78 5.95 13.23
N LEU A 159 9.35 5.43 12.09
CA LEU A 159 9.12 6.22 10.90
C LEU A 159 7.66 6.16 10.50
N CYS A 160 7.04 7.32 10.32
CA CYS A 160 5.62 7.41 9.96
C CYS A 160 5.48 8.27 8.71
N LEU A 161 5.00 7.66 7.63
CA LEU A 161 4.78 8.36 6.37
C LEU A 161 3.32 8.21 5.97
N ASP A 162 2.82 9.15 5.17
CA ASP A 162 1.40 9.16 4.84
C ASP A 162 1.15 8.76 3.39
N ASN A 163 0.30 7.73 3.19
CA ASN A 163 -0.12 7.33 1.85
C ASN A 163 -0.99 8.39 1.20
N LEU A 164 -1.48 9.37 1.96
CA LEU A 164 -2.14 10.53 1.38
C LEU A 164 -1.24 11.25 0.38
N LEU A 165 0.08 11.25 0.63
CA LEU A 165 1.05 11.99 -0.16
C LEU A 165 2.08 11.12 -0.86
N LEU A 166 2.41 9.94 -0.33
CA LEU A 166 3.41 9.05 -0.92
C LEU A 166 2.76 7.68 -1.04
N ASP A 167 2.64 7.18 -2.27
CA ASP A 167 2.04 5.87 -2.45
C ASP A 167 3.01 4.75 -2.10
N GLY A 168 2.53 3.51 -2.20
CA GLY A 168 3.34 2.36 -1.79
C GLY A 168 4.67 2.27 -2.51
N LEU A 169 4.67 2.46 -3.83
CA LEU A 169 5.94 2.45 -4.54
C LEU A 169 6.83 3.60 -4.10
N SER A 170 6.25 4.78 -3.88
CA SER A 170 7.03 5.91 -3.39
C SER A 170 7.68 5.57 -2.07
N MET A 171 6.94 4.91 -1.17
CA MET A 171 7.54 4.55 0.11
C MET A 171 8.68 3.55 -0.06
N GLN A 172 8.60 2.63 -1.02
CA GLN A 172 9.74 1.75 -1.25
C GLN A 172 10.93 2.52 -1.80
N ILE A 173 10.70 3.44 -2.73
CA ILE A 173 11.78 4.28 -3.25
C ILE A 173 12.46 5.02 -2.11
N LEU A 174 11.65 5.70 -1.28
CA LEU A 174 12.22 6.53 -0.22
C LEU A 174 12.94 5.71 0.84
N LEU A 175 12.36 4.58 1.25
CA LEU A 175 13.05 3.78 2.25
C LEU A 175 14.37 3.22 1.74
N ALA A 176 14.43 2.87 0.43
CA ALA A 176 15.68 2.38 -0.14
C ALA A 176 16.73 3.47 -0.15
N GLU A 177 16.32 4.71 -0.43
CA GLU A 177 17.25 5.82 -0.42
C GLU A 177 17.73 6.12 0.99
N LEU A 178 16.84 6.00 1.97
CA LEU A 178 17.23 6.22 3.35
C LEU A 178 18.27 5.18 3.78
N GLU A 179 18.04 3.90 3.44
CA GLU A 179 19.04 2.87 3.73
C GLU A 179 20.33 3.17 3.01
N HIS A 180 20.25 3.52 1.73
CA HIS A 180 21.45 3.70 0.94
C HIS A 180 22.25 4.89 1.43
N GLY A 181 21.56 5.99 1.73
CA GLY A 181 22.25 7.16 2.25
C GLY A 181 22.90 6.91 3.59
N TYR A 182 22.21 6.18 4.48
CA TYR A 182 22.79 5.89 5.78
C TYR A 182 24.01 5.00 5.64
N ARG A 183 23.99 4.08 4.67
CA ARG A 183 25.14 3.21 4.47
C ARG A 183 26.28 3.96 3.77
N TYR A 184 25.95 4.86 2.84
CA TYR A 184 26.97 5.54 2.05
C TYR A 184 26.70 7.05 2.12
N PRO A 185 26.94 7.67 3.27
CA PRO A 185 26.57 9.08 3.45
C PRO A 185 27.40 10.04 2.63
N GLN A 186 28.47 9.58 1.99
CA GLN A 186 29.30 10.48 1.19
CA GLN A 186 29.29 10.49 1.20
C GLN A 186 28.73 10.72 -0.20
N GLN A 187 27.87 9.84 -0.69
CA GLN A 187 27.34 9.96 -2.04
C GLN A 187 26.30 11.06 -2.08
N LEU A 188 26.38 11.91 -3.10
CA LEU A 188 25.36 12.93 -3.35
C LEU A 188 24.60 12.54 -4.61
N LEU A 189 23.28 12.67 -4.55
CA LEU A 189 22.48 12.36 -5.73
C LEU A 189 22.08 13.65 -6.44
N PRO A 190 22.17 13.69 -7.76
CA PRO A 190 21.79 14.92 -8.49
C PRO A 190 20.31 15.18 -8.33
N PRO A 191 19.88 16.43 -8.47
CA PRO A 191 18.46 16.75 -8.27
C PRO A 191 17.60 16.03 -9.28
N LEU A 192 16.35 15.77 -8.88
CA LEU A 192 15.42 15.11 -9.79
C LEU A 192 14.92 16.10 -10.85
N PRO A 193 14.82 15.68 -12.10
CA PRO A 193 14.42 16.60 -13.18
C PRO A 193 12.93 16.69 -13.43
N VAL A 194 12.08 16.03 -12.64
CA VAL A 194 10.65 16.00 -12.90
C VAL A 194 9.93 15.96 -11.55
N THR A 195 8.75 16.58 -11.50
CA THR A 195 8.01 16.65 -10.24
C THR A 195 6.66 15.96 -10.35
N PHE A 196 6.15 15.51 -9.21
CA PHE A 196 4.79 14.99 -9.14
C PHE A 196 3.78 16.05 -9.55
N ARG A 197 3.96 17.29 -9.07
CA ARG A 197 3.04 18.36 -9.44
C ARG A 197 2.89 18.45 -10.95
N ASP A 198 4.01 18.44 -11.67
CA ASP A 198 3.96 18.56 -13.12
C ASP A 198 3.35 17.32 -13.77
N TYR A 199 3.67 16.14 -13.25
CA TYR A 199 3.06 14.92 -13.76
C TYR A 199 1.53 15.03 -13.79
N LEU A 200 0.93 15.45 -12.68
CA LEU A 200 -0.52 15.54 -12.63
C LEU A 200 -1.07 16.57 -13.60
N GLN A 201 -0.26 17.53 -14.04
CA GLN A 201 -0.70 18.58 -14.94
C GLN A 201 -0.62 18.18 -16.41
N GLN A 202 -0.10 16.99 -16.71
CA GLN A 202 0.10 16.63 -18.11
C GLN A 202 -1.26 16.39 -18.79
N PRO A 203 -1.36 16.67 -20.09
CA PRO A 203 -2.63 16.43 -20.81
C PRO A 203 -3.16 15.02 -20.64
N SER A 204 -2.26 14.04 -20.70
CA SER A 204 -2.64 12.62 -20.68
C SER A 204 -3.42 12.26 -19.42
N LEU A 205 -3.25 13.01 -18.33
CA LEU A 205 -4.01 12.74 -17.12
C LEU A 205 -5.31 13.53 -17.06
N ASP A 211 -14.21 5.82 -24.00
CA ASP A 211 -15.20 4.76 -23.86
C ASP A 211 -14.82 3.70 -22.82
N SER A 212 -13.86 4.05 -21.95
CA SER A 212 -13.63 3.21 -20.78
C SER A 212 -14.82 3.26 -19.83
N LEU A 213 -15.37 4.45 -19.60
CA LEU A 213 -16.57 4.56 -18.77
C LEU A 213 -17.71 3.70 -19.31
N ALA A 214 -17.88 3.69 -20.63
CA ALA A 214 -18.96 2.89 -21.21
C ALA A 214 -18.72 1.41 -20.99
N TRP A 215 -17.47 0.98 -21.13
CA TRP A 215 -17.15 -0.43 -20.92
C TRP A 215 -17.45 -0.86 -19.48
N TRP A 216 -17.13 -0.01 -18.50
CA TRP A 216 -17.46 -0.36 -17.10
C TRP A 216 -18.96 -0.35 -16.86
N GLN A 217 -19.66 0.69 -17.34
CA GLN A 217 -21.12 0.71 -17.22
CA GLN A 217 -21.12 0.70 -17.21
C GLN A 217 -21.73 -0.56 -17.78
N ALA A 218 -21.09 -1.15 -18.79
CA ALA A 218 -21.65 -2.30 -19.47
C ALA A 218 -21.78 -3.52 -18.56
N GLN A 219 -20.94 -3.65 -17.54
CA GLN A 219 -21.03 -4.84 -16.69
C GLN A 219 -21.26 -4.49 -15.23
N LEU A 220 -22.04 -3.45 -14.97
CA LEU A 220 -22.45 -3.17 -13.60
C LEU A 220 -23.25 -4.33 -13.00
N ASP A 221 -23.95 -5.09 -13.84
CA ASP A 221 -24.79 -6.18 -13.35
C ASP A 221 -23.99 -7.46 -13.07
N ASP A 222 -22.71 -7.50 -13.40
CA ASP A 222 -21.89 -8.70 -13.20
C ASP A 222 -20.75 -8.48 -12.21
N ILE A 223 -20.84 -7.45 -11.39
CA ILE A 223 -19.86 -7.19 -10.35
C ILE A 223 -20.55 -7.48 -9.01
N PRO A 224 -20.20 -8.58 -8.34
CA PRO A 224 -20.87 -8.93 -7.08
C PRO A 224 -20.31 -8.11 -5.94
N PRO A 225 -20.95 -8.14 -4.77
CA PRO A 225 -20.47 -7.35 -3.63
C PRO A 225 -19.12 -7.82 -3.15
N ALA A 226 -18.52 -7.02 -2.27
CA ALA A 226 -17.29 -7.40 -1.59
C ALA A 226 -17.52 -8.69 -0.79
N PRO A 227 -16.43 -9.36 -0.38
CA PRO A 227 -16.60 -10.61 0.37
C PRO A 227 -17.47 -10.41 1.60
N ALA A 228 -18.48 -11.27 1.74
CA ALA A 228 -19.38 -11.21 2.89
C ALA A 228 -18.80 -12.08 4.02
N LEU A 229 -17.76 -11.54 4.63
CA LEU A 229 -17.01 -12.21 5.68
C LEU A 229 -17.75 -12.10 7.00
N PRO A 230 -17.62 -13.09 7.89
CA PRO A 230 -18.24 -12.96 9.21
C PRO A 230 -17.61 -11.82 9.99
N LEU A 231 -18.46 -11.03 10.66
CA LEU A 231 -18.01 -9.90 11.45
C LEU A 231 -18.43 -10.11 12.89
N ARG A 232 -17.69 -9.51 13.83
CA ARG A 232 -18.11 -9.53 15.21
C ARG A 232 -18.85 -8.26 15.63
N CYS A 233 -18.97 -7.28 14.73
CA CYS A 233 -19.79 -6.11 15.01
C CYS A 233 -20.07 -5.38 13.70
N LEU A 234 -20.95 -4.40 13.76
CA LEU A 234 -21.19 -3.54 12.61
C LEU A 234 -19.96 -2.68 12.38
N PRO A 235 -19.37 -2.70 11.18
CA PRO A 235 -18.13 -1.94 10.97
C PRO A 235 -18.30 -0.44 11.08
N GLN A 236 -19.49 0.09 10.75
CA GLN A 236 -19.75 1.50 10.99
C GLN A 236 -19.64 1.85 12.47
N GLU A 237 -19.90 0.88 13.34
CA GLU A 237 -19.87 1.10 14.78
C GLU A 237 -18.50 0.85 15.40
N VAL A 238 -17.43 0.91 14.62
CA VAL A 238 -16.07 0.94 15.14
C VAL A 238 -15.61 2.40 15.07
N GLU A 239 -15.65 3.07 16.23
CA GLU A 239 -15.44 4.51 16.26
C GLU A 239 -14.00 4.88 15.95
N THR A 240 -13.04 4.12 16.49
CA THR A 240 -11.62 4.41 16.30
C THR A 240 -10.93 3.16 15.75
N PRO A 241 -11.07 2.89 14.45
CA PRO A 241 -10.46 1.68 13.88
C PRO A 241 -8.94 1.65 14.07
N ARG A 242 -8.44 0.50 14.52
CA ARG A 242 -7.02 0.27 14.76
C ARG A 242 -6.58 -0.92 13.93
N PHE A 243 -5.51 -0.73 13.16
CA PHE A 243 -5.05 -1.80 12.29
C PHE A 243 -4.02 -2.66 12.97
N ALA A 244 -4.06 -3.96 12.64
CA ALA A 244 -3.07 -4.93 13.06
C ALA A 244 -2.51 -5.60 11.82
N ARG A 245 -1.38 -6.30 11.97
CA ARG A 245 -0.73 -6.90 10.82
C ARG A 245 -0.36 -8.35 11.10
N LEU A 246 -0.52 -9.18 10.07
CA LEU A 246 0.08 -10.50 10.01
C LEU A 246 0.99 -10.52 8.80
N ASN A 247 2.19 -11.11 8.95
CA ASN A 247 3.08 -11.11 7.81
C ASN A 247 3.69 -12.49 7.59
N GLY A 248 4.06 -12.74 6.34
CA GLY A 248 4.63 -14.02 5.97
C GLY A 248 5.54 -13.85 4.78
N ALA A 249 6.10 -14.96 4.34
CA ALA A 249 6.92 -14.94 3.14
C ALA A 249 6.89 -16.33 2.52
N LEU A 250 7.06 -16.36 1.21
CA LEU A 250 7.25 -17.59 0.48
C LEU A 250 8.71 -17.60 0.03
N ASP A 251 9.43 -18.65 0.42
CA ASP A 251 10.88 -18.69 0.19
C ASP A 251 11.21 -18.63 -1.30
N SER A 252 12.45 -18.27 -1.60
CA SER A 252 12.80 -17.93 -2.99
C SER A 252 12.74 -19.14 -3.90
N THR A 253 13.00 -20.35 -3.37
CA THR A 253 12.88 -21.52 -4.21
C THR A 253 11.42 -21.79 -4.57
N ARG A 254 10.53 -21.71 -3.58
CA ARG A 254 9.11 -21.94 -3.82
C ARG A 254 8.49 -20.84 -4.67
N TRP A 255 8.92 -19.61 -4.48
CA TRP A 255 8.35 -18.51 -5.27
C TRP A 255 8.77 -18.63 -6.73
N HIS A 256 10.03 -18.97 -6.98
CA HIS A 256 10.45 -19.25 -8.35
C HIS A 256 9.62 -20.37 -8.96
N ARG A 257 9.43 -21.46 -8.21
CA ARG A 257 8.69 -22.61 -8.74
C ARG A 257 7.25 -22.25 -9.02
N LEU A 258 6.63 -21.46 -8.13
CA LEU A 258 5.23 -21.09 -8.30
C LEU A 258 5.06 -20.15 -9.48
N LYS A 259 5.99 -19.22 -9.67
CA LYS A 259 5.95 -18.38 -10.86
C LYS A 259 6.09 -19.20 -12.14
N LYS A 260 6.94 -20.22 -12.12
CA LYS A 260 7.04 -21.08 -13.29
C LYS A 260 5.74 -21.84 -13.53
N ARG A 261 5.17 -22.42 -12.47
CA ARG A 261 3.90 -23.14 -12.62
C ARG A 261 2.81 -22.21 -13.13
N ALA A 262 2.77 -20.98 -12.60
CA ALA A 262 1.83 -19.97 -13.10
C ALA A 262 1.95 -19.82 -14.61
N ALA A 263 3.18 -19.53 -15.08
CA ALA A 263 3.44 -19.41 -16.51
C ALA A 263 2.96 -20.63 -17.28
N ASP A 264 3.26 -21.83 -16.78
CA ASP A 264 2.82 -23.03 -17.48
C ASP A 264 1.30 -23.14 -17.55
N ALA A 265 0.60 -22.59 -16.56
CA ALA A 265 -0.86 -22.59 -16.53
C ALA A 265 -1.46 -21.34 -17.14
N HIS A 266 -0.65 -20.51 -17.79
CA HIS A 266 -1.12 -19.31 -18.47
C HIS A 266 -1.70 -18.25 -17.53
N LEU A 267 -1.05 -18.06 -16.38
CA LEU A 267 -1.48 -17.13 -15.36
C LEU A 267 -0.30 -16.28 -14.95
N THR A 268 -0.54 -14.99 -14.72
CA THR A 268 0.48 -14.16 -14.11
C THR A 268 0.64 -14.56 -12.65
N PRO A 269 1.80 -14.28 -12.05
CA PRO A 269 1.94 -14.53 -10.61
C PRO A 269 0.91 -13.81 -9.76
N SER A 270 0.52 -12.58 -10.11
CA SER A 270 -0.52 -11.88 -9.37
C SER A 270 -1.84 -12.65 -9.42
N ALA A 271 -2.19 -13.16 -10.60
CA ALA A 271 -3.43 -13.92 -10.73
C ALA A 271 -3.40 -15.16 -9.86
N VAL A 272 -2.26 -15.87 -9.82
CA VAL A 272 -2.17 -17.04 -8.94
C VAL A 272 -2.38 -16.64 -7.48
N LEU A 273 -1.69 -15.59 -7.02
CA LEU A 273 -1.84 -15.19 -5.62
C LEU A 273 -3.25 -14.73 -5.34
N LEU A 274 -3.84 -13.97 -6.27
CA LEU A 274 -5.23 -13.53 -6.11
C LEU A 274 -6.18 -14.71 -6.03
N SER A 275 -5.92 -15.76 -6.83
CA SER A 275 -6.79 -16.92 -6.83
C SER A 275 -6.60 -17.79 -5.58
N VAL A 276 -5.35 -17.96 -5.14
CA VAL A 276 -5.15 -18.67 -3.88
C VAL A 276 -5.85 -17.92 -2.73
N TRP A 277 -5.68 -16.59 -2.69
CA TRP A 277 -6.30 -15.83 -1.60
C TRP A 277 -7.82 -15.91 -1.68
N SER A 278 -8.37 -15.75 -2.88
CA SER A 278 -9.81 -15.76 -3.04
C SER A 278 -10.40 -17.11 -2.67
N THR A 279 -9.66 -18.19 -2.92
CA THR A 279 -10.11 -19.51 -2.47
C THR A 279 -10.35 -19.55 -0.96
N VAL A 280 -9.41 -19.00 -0.18
CA VAL A 280 -9.59 -18.94 1.26
C VAL A 280 -10.76 -18.04 1.61
N LEU A 281 -10.82 -16.85 0.99
CA LEU A 281 -11.92 -15.92 1.28
C LEU A 281 -13.28 -16.54 0.96
N SER A 282 -13.39 -17.25 -0.18
CA SER A 282 -14.65 -17.89 -0.54
C SER A 282 -15.10 -18.85 0.54
N ALA A 283 -14.16 -19.59 1.12
CA ALA A 283 -14.51 -20.58 2.13
C ALA A 283 -15.10 -19.98 3.37
N TRP A 284 -14.81 -18.71 3.65
CA TRP A 284 -15.32 -18.04 4.83
C TRP A 284 -16.51 -17.13 4.55
N SER A 285 -16.79 -16.79 3.29
CA SER A 285 -17.76 -15.76 2.99
C SER A 285 -19.16 -16.34 2.82
N ALA A 286 -20.15 -15.46 2.99
CA ALA A 286 -21.53 -15.92 2.92
C ALA A 286 -21.89 -16.38 1.53
N GLN A 287 -21.35 -15.74 0.50
CA GLN A 287 -21.48 -16.07 -0.90
C GLN A 287 -20.09 -16.32 -1.48
N PRO A 288 -19.94 -17.33 -2.35
CA PRO A 288 -18.59 -17.67 -2.85
C PRO A 288 -18.04 -16.70 -3.87
N GLU A 289 -18.90 -15.96 -4.57
CA GLU A 289 -18.45 -15.00 -5.56
C GLU A 289 -18.45 -13.62 -4.92
N PHE A 290 -17.44 -12.81 -5.25
CA PHE A 290 -17.26 -11.51 -4.62
C PHE A 290 -16.30 -10.67 -5.44
N THR A 291 -16.16 -9.40 -5.05
CA THR A 291 -15.29 -8.45 -5.74
C THR A 291 -14.26 -7.89 -4.77
N LEU A 292 -12.99 -7.85 -5.22
CA LEU A 292 -11.89 -7.20 -4.53
C LEU A 292 -11.57 -5.87 -5.21
N ASN A 293 -10.93 -4.97 -4.45
CA ASN A 293 -10.40 -3.73 -5.00
C ASN A 293 -8.88 -3.89 -5.07
N LEU A 294 -8.33 -3.75 -6.28
CA LEU A 294 -6.90 -3.93 -6.50
C LEU A 294 -6.22 -2.58 -6.51
N THR A 295 -5.17 -2.44 -5.72
CA THR A 295 -4.41 -1.20 -5.69
C THR A 295 -3.16 -1.42 -6.51
N LEU A 296 -2.94 -0.55 -7.50
CA LEU A 296 -1.78 -0.66 -8.37
C LEU A 296 -1.05 0.69 -8.38
N PHE A 297 0.24 0.61 -8.72
CA PHE A 297 1.13 1.75 -8.58
C PHE A 297 1.84 2.14 -9.87
N ASP A 298 1.61 1.45 -10.98
CA ASP A 298 2.36 1.75 -12.19
C ASP A 298 2.03 3.15 -12.72
N ARG A 299 3.04 3.83 -13.21
CA ARG A 299 2.95 5.23 -13.60
C ARG A 299 2.93 5.34 -15.13
N ARG A 300 2.21 6.31 -15.64
CA ARG A 300 2.27 6.57 -17.07
C ARG A 300 3.68 7.03 -17.41
N PRO A 301 4.25 6.54 -18.51
CA PRO A 301 5.68 6.79 -18.82
C PRO A 301 5.88 8.14 -19.51
N LEU A 302 5.57 9.23 -18.81
CA LEU A 302 5.59 10.56 -19.40
C LEU A 302 6.94 11.24 -19.31
N HIS A 303 7.87 10.73 -18.50
CA HIS A 303 9.19 11.32 -18.40
C HIS A 303 10.11 10.16 -18.10
N PRO A 304 11.32 10.14 -18.63
CA PRO A 304 12.22 8.99 -18.42
C PRO A 304 12.55 8.74 -16.95
N GLN A 305 12.43 9.74 -16.08
CA GLN A 305 12.75 9.56 -14.66
C GLN A 305 11.50 9.50 -13.78
N ILE A 306 10.31 9.30 -14.35
CA ILE A 306 9.09 9.35 -13.57
C ILE A 306 9.06 8.31 -12.46
N ASN A 307 9.70 7.16 -12.66
CA ASN A 307 9.69 6.12 -11.64
C ASN A 307 10.63 6.40 -10.48
N GLN A 308 11.26 7.57 -10.44
CA GLN A 308 12.19 7.87 -9.38
C GLN A 308 11.63 8.83 -8.36
N ILE A 309 10.43 9.37 -8.55
CA ILE A 309 9.93 10.46 -7.72
C ILE A 309 8.87 9.93 -6.78
N LEU A 310 8.49 10.76 -5.81
CA LEU A 310 7.49 10.35 -4.82
C LEU A 310 6.20 11.11 -5.06
N GLY A 311 5.08 10.41 -4.92
CA GLY A 311 3.78 11.06 -5.03
C GLY A 311 2.69 10.00 -4.98
N ASP A 312 1.45 10.41 -5.32
CA ASP A 312 0.32 9.47 -5.40
C ASP A 312 0.04 9.12 -6.84
N PHE A 313 0.48 7.94 -7.26
CA PHE A 313 0.20 7.42 -8.58
C PHE A 313 -0.77 6.24 -8.51
N THR A 314 -1.45 6.08 -7.37
CA THR A 314 -2.32 4.93 -7.17
C THR A 314 -3.44 4.87 -8.20
N SER A 315 -3.71 3.68 -8.70
CA SER A 315 -4.94 3.39 -9.43
C SER A 315 -5.67 2.28 -8.70
N LEU A 316 -7.00 2.34 -8.69
CA LEU A 316 -7.84 1.34 -8.05
C LEU A 316 -8.69 0.66 -9.12
N MET A 317 -8.80 -0.67 -9.04
CA MET A 317 -9.47 -1.45 -10.07
C MET A 317 -10.21 -2.61 -9.43
N LEU A 318 -11.51 -2.70 -9.70
CA LEU A 318 -12.25 -3.84 -9.18
C LEU A 318 -11.88 -5.10 -9.96
N LEU A 319 -11.99 -6.24 -9.28
CA LEU A 319 -11.76 -7.54 -9.91
C LEU A 319 -12.61 -8.56 -9.17
N SER A 320 -13.43 -9.30 -9.90
CA SER A 320 -14.38 -10.22 -9.30
C SER A 320 -13.86 -11.65 -9.37
N TRP A 321 -14.18 -12.42 -8.33
CA TRP A 321 -13.86 -13.84 -8.24
C TRP A 321 -15.16 -14.63 -8.42
N HIS A 322 -15.19 -15.51 -9.40
CA HIS A 322 -16.36 -16.32 -9.71
C HIS A 322 -15.87 -17.76 -9.73
N PRO A 323 -15.91 -18.44 -8.59
CA PRO A 323 -15.36 -19.80 -8.55
C PRO A 323 -16.14 -20.72 -9.45
N GLY A 324 -15.42 -21.62 -10.12
CA GLY A 324 -16.04 -22.60 -10.98
C GLY A 324 -15.80 -24.02 -10.52
N GLU A 325 -15.64 -24.94 -11.47
CA GLU A 325 -15.50 -26.36 -11.12
C GLU A 325 -14.18 -26.61 -10.41
N SER A 326 -13.09 -26.12 -10.99
CA SER A 326 -11.75 -26.36 -10.48
C SER A 326 -11.10 -25.03 -10.20
N TRP A 327 -10.14 -25.05 -9.27
CA TRP A 327 -9.34 -23.86 -8.99
C TRP A 327 -8.74 -23.30 -10.26
N LEU A 328 -8.21 -24.18 -11.11
CA LEU A 328 -7.54 -23.73 -12.32
C LEU A 328 -8.50 -22.96 -13.22
N HIS A 329 -9.68 -23.52 -13.49
CA HIS A 329 -10.67 -22.78 -14.28
C HIS A 329 -11.01 -21.44 -13.63
N SER A 330 -11.16 -21.41 -12.31
CA SER A 330 -11.46 -20.16 -11.63
C SER A 330 -10.32 -19.17 -11.78
N ALA A 331 -9.08 -19.64 -11.64
CA ALA A 331 -7.93 -18.74 -11.77
C ALA A 331 -7.81 -18.22 -13.19
N GLN A 332 -8.07 -19.07 -14.19
CA GLN A 332 -7.99 -18.66 -15.58
C GLN A 332 -9.07 -17.63 -15.90
N SER A 333 -10.29 -17.80 -15.37
CA SER A 333 -11.32 -16.78 -15.56
CA SER A 333 -11.30 -16.77 -15.57
C SER A 333 -10.91 -15.46 -14.90
N LEU A 334 -10.33 -15.53 -13.70
CA LEU A 334 -9.86 -14.31 -13.04
C LEU A 334 -8.78 -13.62 -13.86
N GLN A 335 -7.83 -14.38 -14.40
CA GLN A 335 -6.78 -13.78 -15.23
C GLN A 335 -7.36 -13.07 -16.45
N GLN A 336 -8.32 -13.70 -17.13
CA GLN A 336 -8.92 -13.06 -18.30
C GLN A 336 -9.61 -11.76 -17.92
N ARG A 337 -10.38 -11.79 -16.82
CA ARG A 337 -11.02 -10.58 -16.31
C ARG A 337 -9.98 -9.52 -15.94
N LEU A 338 -8.94 -9.93 -15.23
CA LEU A 338 -7.84 -9.03 -14.87
C LEU A 338 -7.23 -8.36 -16.10
N SER A 339 -6.93 -9.13 -17.14
CA SER A 339 -6.30 -8.58 -18.34
C SER A 339 -7.20 -7.53 -18.99
N GLN A 340 -8.50 -7.84 -19.10
CA GLN A 340 -9.44 -6.89 -19.68
C GLN A 340 -9.59 -5.65 -18.81
N ASN A 341 -9.75 -5.85 -17.49
CA ASN A 341 -9.95 -4.72 -16.60
C ASN A 341 -8.77 -3.77 -16.63
N LEU A 342 -7.54 -4.31 -16.59
CA LEU A 342 -6.35 -3.48 -16.63
C LEU A 342 -6.35 -2.54 -17.82
N ASN A 343 -7.00 -2.93 -18.91
CA ASN A 343 -7.13 -2.11 -20.10
C ASN A 343 -8.09 -0.95 -19.92
N HIS A 344 -8.68 -0.76 -18.73
CA HIS A 344 -9.69 0.27 -18.56
C HIS A 344 -9.55 1.01 -17.24
N ARG A 345 -8.32 1.13 -16.75
CA ARG A 345 -8.08 1.72 -15.44
C ARG A 345 -8.14 3.23 -15.42
N ASP A 346 -8.24 3.89 -16.59
CA ASP A 346 -8.48 5.32 -16.59
C ASP A 346 -9.79 5.66 -15.90
N VAL A 347 -10.74 4.73 -15.88
CA VAL A 347 -11.92 4.86 -15.05
C VAL A 347 -11.62 4.15 -13.74
N SER A 348 -11.66 4.89 -12.64
CA SER A 348 -11.22 4.39 -11.35
C SER A 348 -12.32 3.53 -10.72
N ALA A 349 -11.89 2.60 -9.85
CA ALA A 349 -12.85 1.84 -9.07
C ALA A 349 -13.71 2.76 -8.20
N ILE A 350 -13.16 3.92 -7.80
CA ILE A 350 -13.95 4.91 -7.06
C ILE A 350 -15.18 5.30 -7.86
N ARG A 351 -14.99 5.58 -9.15
CA ARG A 351 -16.10 5.91 -10.04
C ARG A 351 -17.05 4.72 -10.23
N VAL A 352 -16.48 3.52 -10.43
CA VAL A 352 -17.30 2.34 -10.70
C VAL A 352 -18.20 2.03 -9.50
N MET A 353 -17.65 2.11 -8.29
CA MET A 353 -18.47 1.90 -7.10
C MET A 353 -19.63 2.88 -7.04
N ARG A 354 -19.43 4.12 -7.48
CA ARG A 354 -20.55 5.06 -7.55
C ARG A 354 -21.57 4.59 -8.57
N GLN A 355 -21.12 4.17 -9.75
CA GLN A 355 -22.04 3.66 -10.77
CA GLN A 355 -22.05 3.66 -10.76
C GLN A 355 -22.79 2.44 -10.25
N LEU A 356 -22.10 1.56 -9.52
CA LEU A 356 -22.76 0.39 -8.95
C LEU A 356 -23.87 0.80 -7.98
N ALA A 357 -23.59 1.78 -7.11
CA ALA A 357 -24.58 2.19 -6.13
C ALA A 357 -25.77 2.86 -6.81
N GLN A 358 -25.51 3.67 -7.83
CA GLN A 358 -26.60 4.28 -8.60
C GLN A 358 -27.44 3.21 -9.28
N ARG A 359 -26.78 2.25 -9.93
CA ARG A 359 -27.52 1.18 -10.60
C ARG A 359 -28.36 0.38 -9.62
N GLN A 360 -27.87 0.18 -8.40
CA GLN A 360 -28.53 -0.68 -7.43
C GLN A 360 -29.45 0.06 -6.48
N ASN A 361 -29.52 1.39 -6.58
CA ASN A 361 -30.42 2.23 -5.79
C ASN A 361 -30.09 2.20 -4.30
N VAL A 362 -28.80 2.13 -3.97
CA VAL A 362 -28.34 2.11 -2.60
C VAL A 362 -27.42 3.31 -2.39
N PRO A 363 -27.25 3.75 -1.15
CA PRO A 363 -26.34 4.88 -0.91
C PRO A 363 -24.91 4.61 -1.34
N ALA A 364 -24.41 3.39 -1.17
CA ALA A 364 -23.02 3.14 -1.47
C ALA A 364 -22.81 1.64 -1.66
N VAL A 365 -21.81 1.32 -2.47
CA VAL A 365 -21.33 -0.04 -2.63
C VAL A 365 -19.86 -0.08 -2.25
N PRO A 366 -19.55 -0.49 -1.02
CA PRO A 366 -18.17 -0.45 -0.57
C PRO A 366 -17.39 -1.67 -1.05
N MET A 367 -16.07 -1.53 -1.06
CA MET A 367 -15.16 -2.63 -1.42
C MET A 367 -14.05 -2.65 -0.39
N PRO A 368 -14.34 -3.12 0.82
CA PRO A 368 -13.38 -2.99 1.91
C PRO A 368 -12.31 -4.07 1.98
N VAL A 369 -12.29 -5.03 1.06
CA VAL A 369 -11.25 -6.07 1.02
C VAL A 369 -10.38 -5.78 -0.19
N VAL A 370 -9.07 -5.59 0.05
CA VAL A 370 -8.15 -4.97 -0.89
C VAL A 370 -6.95 -5.87 -1.12
N PHE A 371 -6.43 -5.85 -2.36
CA PHE A 371 -5.20 -6.55 -2.72
C PHE A 371 -4.25 -5.51 -3.29
N THR A 372 -3.07 -5.37 -2.68
CA THR A 372 -2.13 -4.30 -3.03
C THR A 372 -0.83 -4.95 -3.47
N SER A 373 -0.43 -4.74 -4.72
CA SER A 373 0.73 -5.43 -5.25
C SER A 373 1.80 -4.43 -5.65
N ALA A 374 3.00 -4.62 -5.12
CA ALA A 374 4.19 -3.89 -5.58
C ALA A 374 5.09 -4.77 -6.45
N LEU A 375 4.58 -5.88 -6.98
CA LEU A 375 5.38 -6.68 -7.89
C LEU A 375 5.70 -5.87 -9.14
N GLY A 376 6.93 -6.03 -9.63
CA GLY A 376 7.28 -5.56 -10.96
C GLY A 376 7.90 -4.19 -11.06
N PHE A 377 8.35 -3.58 -9.97
CA PHE A 377 8.81 -2.20 -10.01
C PHE A 377 10.31 -2.03 -9.82
N GLU A 378 11.08 -3.10 -10.01
CA GLU A 378 12.54 -3.06 -9.96
C GLU A 378 13.11 -2.67 -8.60
N GLN A 379 12.27 -2.57 -7.58
CA GLN A 379 12.74 -2.46 -6.19
C GLN A 379 13.17 -3.86 -5.73
N ASP A 380 14.23 -4.35 -6.36
N ASP A 380 14.23 -4.35 -6.38
CA ASP A 380 14.84 -5.59 -5.93
CA ASP A 380 14.57 -5.78 -6.30
C ASP A 380 15.65 -5.34 -4.66
C ASP A 380 14.98 -6.20 -4.90
N ASN A 381 15.63 -6.33 -3.77
N ASN A 381 15.88 -5.45 -4.27
CA ASN A 381 16.34 -6.24 -2.49
CA ASN A 381 16.38 -5.81 -2.95
C ASN A 381 15.83 -5.09 -1.63
C ASN A 381 15.87 -4.83 -1.90
N PHE A 382 14.55 -4.75 -1.76
CA PHE A 382 13.92 -3.85 -0.81
C PHE A 382 13.84 -4.54 0.55
N LEU A 383 14.33 -3.85 1.60
CA LEU A 383 14.42 -4.44 2.93
C LEU A 383 15.24 -5.71 2.91
N ALA A 384 16.34 -5.69 2.16
CA ALA A 384 17.22 -6.84 2.11
C ALA A 384 17.67 -7.19 3.53
N ARG A 385 17.83 -8.49 3.77
CA ARG A 385 18.05 -9.00 5.12
C ARG A 385 19.21 -8.28 5.80
N ARG A 386 20.31 -8.07 5.08
CA ARG A 386 21.49 -7.46 5.67
C ARG A 386 21.39 -5.94 5.82
N ASN A 387 20.20 -5.34 5.68
CA ASN A 387 20.10 -3.88 5.73
C ASN A 387 20.48 -3.35 7.10
N LEU A 388 21.15 -2.19 7.10
CA LEU A 388 21.52 -1.54 8.36
C LEU A 388 20.29 -1.07 9.12
N LEU A 389 19.27 -0.61 8.41
CA LEU A 389 18.01 -0.21 9.03
C LEU A 389 17.13 -1.45 8.96
N LYS A 390 17.17 -2.25 10.02
CA LYS A 390 16.49 -3.54 9.99
C LYS A 390 15.02 -3.41 10.37
N PRO A 391 14.10 -3.68 9.45
CA PRO A 391 12.68 -3.52 9.77
C PRO A 391 12.26 -4.61 10.74
N VAL A 392 11.66 -4.23 11.86
CA VAL A 392 11.25 -5.22 12.84
C VAL A 392 9.75 -5.24 13.09
N TRP A 393 9.02 -4.20 12.75
CA TRP A 393 7.60 -4.16 13.06
C TRP A 393 6.99 -3.04 12.24
N GLY A 394 5.73 -3.21 11.85
CA GLY A 394 5.06 -2.11 11.16
C GLY A 394 3.58 -2.36 11.03
N ILE A 395 2.89 -1.31 10.60
CA ILE A 395 1.44 -1.36 10.40
C ILE A 395 1.10 -0.25 9.43
N SER A 396 -0.01 -0.42 8.69
CA SER A 396 -0.50 0.60 7.80
C SER A 396 -2.02 0.73 7.94
N GLN A 397 -2.52 1.92 7.69
CA GLN A 397 -3.95 2.22 7.77
C GLN A 397 -4.44 2.64 6.40
N THR A 398 -5.68 2.26 6.07
CA THR A 398 -6.37 2.78 4.90
C THR A 398 -7.83 3.00 5.31
N PRO A 399 -8.38 4.18 5.09
CA PRO A 399 -9.77 4.42 5.47
C PRO A 399 -10.70 3.54 4.66
N GLN A 400 -11.83 3.19 5.29
CA GLN A 400 -12.90 2.40 4.65
C GLN A 400 -12.43 1.02 4.17
N VAL A 401 -11.35 0.49 4.73
CA VAL A 401 -10.82 -0.82 4.35
C VAL A 401 -10.80 -1.72 5.59
N TRP A 402 -11.25 -2.97 5.43
CA TRP A 402 -11.22 -3.92 6.54
C TRP A 402 -10.00 -4.82 6.51
N LEU A 403 -9.47 -5.11 5.32
CA LEU A 403 -8.45 -6.15 5.17
C LEU A 403 -7.73 -5.86 3.88
N ASP A 404 -6.41 -5.66 3.96
CA ASP A 404 -5.58 -5.31 2.81
C ASP A 404 -4.45 -6.30 2.74
N HIS A 405 -4.42 -7.10 1.68
CA HIS A 405 -3.36 -8.08 1.46
C HIS A 405 -2.32 -7.40 0.58
N GLN A 406 -1.13 -7.15 1.14
CA GLN A 406 -0.08 -6.42 0.43
C GLN A 406 1.07 -7.36 0.09
N ILE A 407 1.59 -7.25 -1.14
CA ILE A 407 2.67 -8.14 -1.57
C ILE A 407 3.81 -7.35 -2.18
N TYR A 408 5.02 -7.88 -2.03
CA TYR A 408 6.18 -7.34 -2.74
C TYR A 408 7.23 -8.45 -2.81
N GLU A 409 8.22 -8.26 -3.67
CA GLU A 409 9.24 -9.27 -3.87
C GLU A 409 10.57 -8.68 -3.44
N SER A 410 11.37 -9.46 -2.73
CA SER A 410 12.67 -9.00 -2.24
C SER A 410 13.61 -10.18 -2.03
N GLU A 411 14.83 -10.06 -2.55
CA GLU A 411 15.85 -11.10 -2.39
C GLU A 411 15.35 -12.44 -2.90
N GLY A 412 14.61 -12.40 -3.99
CA GLY A 412 14.03 -13.59 -4.54
C GLY A 412 12.83 -14.10 -3.79
N GLU A 413 12.46 -13.54 -2.65
CA GLU A 413 11.30 -14.07 -1.97
C GLU A 413 10.06 -13.19 -2.11
N LEU A 414 8.91 -13.83 -2.04
CA LEU A 414 7.64 -13.13 -2.02
C LEU A 414 7.34 -12.79 -0.58
N ARG A 415 7.19 -11.51 -0.28
CA ARG A 415 6.88 -11.06 1.07
C ARG A 415 5.48 -10.49 1.11
N PHE A 416 4.72 -10.82 2.15
CA PHE A 416 3.34 -10.39 2.14
C PHE A 416 2.88 -10.09 3.56
N ASN A 417 1.89 -9.21 3.66
CA ASN A 417 1.29 -8.93 4.94
C ASN A 417 -0.19 -8.60 4.74
N TRP A 418 -0.98 -8.93 5.73
CA TRP A 418 -2.38 -8.57 5.78
C TRP A 418 -2.53 -7.54 6.87
N ASP A 419 -2.99 -6.36 6.49
CA ASP A 419 -3.29 -5.30 7.44
C ASP A 419 -4.80 -5.23 7.56
N PHE A 420 -5.31 -5.29 8.78
CA PHE A 420 -6.74 -5.44 8.95
C PHE A 420 -7.19 -4.79 10.25
N VAL A 421 -8.46 -4.42 10.30
CA VAL A 421 -9.06 -3.88 11.51
C VAL A 421 -9.43 -5.06 12.41
N ALA A 422 -8.59 -5.33 13.42
CA ALA A 422 -8.74 -6.57 14.19
C ALA A 422 -10.08 -6.63 14.89
N ALA A 423 -10.56 -5.49 15.39
CA ALA A 423 -11.80 -5.49 16.17
C ALA A 423 -13.02 -5.88 15.34
N LEU A 424 -12.94 -5.87 14.01
CA LEU A 424 -14.11 -6.15 13.18
C LEU A 424 -14.44 -7.63 13.10
N PHE A 425 -13.47 -8.49 13.31
CA PHE A 425 -13.64 -9.88 12.98
C PHE A 425 -13.64 -10.76 14.23
N PRO A 426 -14.39 -11.87 14.21
CA PRO A 426 -14.38 -12.79 15.35
C PRO A 426 -12.96 -13.18 15.74
N ALA A 427 -12.75 -13.40 17.03
CA ALA A 427 -11.43 -13.77 17.53
C ALA A 427 -10.94 -14.99 16.77
N GLY A 428 -9.67 -14.94 16.35
CA GLY A 428 -9.04 -16.06 15.70
C GLY A 428 -9.31 -16.19 14.22
N GLN A 429 -10.28 -15.43 13.68
CA GLN A 429 -10.71 -15.65 12.31
C GLN A 429 -9.65 -15.25 11.30
N VAL A 430 -9.14 -14.01 11.37
CA VAL A 430 -8.13 -13.58 10.40
C VAL A 430 -6.88 -14.43 10.53
N GLU A 431 -6.50 -14.75 11.77
CA GLU A 431 -5.33 -15.59 12.00
C GLU A 431 -5.49 -16.95 11.33
N ARG A 432 -6.68 -17.54 11.43
CA ARG A 432 -6.93 -18.84 10.81
C ARG A 432 -6.92 -18.76 9.29
N GLN A 433 -7.55 -17.71 8.72
CA GLN A 433 -7.52 -17.50 7.27
C GLN A 433 -6.09 -17.32 6.78
N PHE A 434 -5.28 -16.59 7.53
CA PHE A 434 -3.88 -16.41 7.16
C PHE A 434 -3.13 -17.74 7.20
N GLU A 435 -3.38 -18.55 8.24
CA GLU A 435 -2.79 -19.87 8.32
C GLU A 435 -3.16 -20.73 7.11
N GLN A 436 -4.45 -20.75 6.76
CA GLN A 436 -4.88 -21.54 5.60
C GLN A 436 -4.28 -21.01 4.32
N TYR A 437 -4.18 -19.68 4.18
CA TYR A 437 -3.59 -19.09 2.97
C TYR A 437 -2.13 -19.47 2.83
N CYS A 438 -1.35 -19.29 3.92
CA CYS A 438 0.06 -19.69 3.87
C CYS A 438 0.21 -21.16 3.53
N ALA A 439 -0.58 -22.03 4.15
CA ALA A 439 -0.49 -23.47 3.84
C ALA A 439 -0.80 -23.74 2.38
N LEU A 440 -1.87 -23.15 1.86
CA LEU A 440 -2.24 -23.43 0.47
C LEU A 440 -1.20 -22.88 -0.49
N LEU A 441 -0.70 -21.68 -0.22
CA LEU A 441 0.33 -21.11 -1.07
C LEU A 441 1.54 -22.02 -1.16
N ASN A 442 2.03 -22.47 0.00
CA ASN A 442 3.23 -23.30 0.01
C ASN A 442 2.98 -24.64 -0.67
N ARG A 443 1.82 -25.24 -0.39
CA ARG A 443 1.52 -26.54 -0.99
C ARG A 443 1.41 -26.44 -2.51
N MET A 444 0.78 -25.39 -3.01
CA MET A 444 0.65 -25.24 -4.46
C MET A 444 1.98 -24.95 -5.13
N ALA A 445 2.93 -24.34 -4.39
CA ALA A 445 4.27 -24.18 -4.94
C ALA A 445 5.04 -25.50 -4.98
N GLU A 446 4.75 -26.44 -4.07
CA GLU A 446 5.44 -27.73 -4.03
C GLU A 446 4.71 -28.83 -4.80
N ASP A 447 3.38 -28.84 -4.72
CA ASP A 447 2.52 -29.96 -5.07
C ASP A 447 1.81 -29.64 -6.38
N GLU A 448 2.07 -30.44 -7.41
CA GLU A 448 1.45 -30.23 -8.72
C GLU A 448 -0.04 -30.57 -8.73
N SER A 449 -0.53 -31.31 -7.73
CA SER A 449 -1.88 -31.86 -7.76
C SER A 449 -2.93 -30.78 -8.01
N GLY A 450 -2.98 -29.77 -7.15
CA GLY A 450 -4.06 -28.80 -7.17
C GLY A 450 -4.08 -27.87 -8.37
N TRP A 451 -3.31 -28.18 -9.42
CA TRP A 451 -3.32 -27.40 -10.64
C TRP A 451 -4.14 -28.06 -11.74
N GLN A 452 -4.97 -29.03 -11.38
CA GLN A 452 -5.86 -29.76 -12.29
C GLN A 452 -5.27 -30.10 -13.67
NA NA B . -1.70 3.69 4.68
C5 PG0 C . 6.66 -3.75 4.92
O2 PG0 C . 7.48 -4.27 5.92
C4 PG0 C . 7.32 -3.68 7.19
C3 PG0 C . 7.85 -4.58 8.32
O1 PG0 C . 6.99 -5.68 8.52
C2 PG0 C . 6.96 -6.18 9.82
C1 PG0 C . 5.53 -6.03 10.31
OTT PG0 C . 5.35 -6.45 11.64
#